data_6WJ0
#
_entry.id   6WJ0
#
_cell.length_a   60.441
_cell.length_b   80.069
_cell.length_c   107.340
_cell.angle_alpha   90.000
_cell.angle_beta   90.000
_cell.angle_gamma   90.000
#
_symmetry.space_group_name_H-M   'P 2 21 21'
#
loop_
_entity.id
_entity.type
_entity.pdbx_description
1 polymer 'Fab 54-4H03 heavy chain'
2 polymer 'Fab 54-4H03 light chain'
3 non-polymer GLYCEROL
4 water water
#
loop_
_entity_poly.entity_id
_entity_poly.type
_entity_poly.pdbx_seq_one_letter_code
_entity_poly.pdbx_strand_id
1 'polypeptide(L)'
;QVQLQQSGPGLVKPSQTLSLTCAISGDSVSSNSVAWNWIRQSPSRGLEWLGRTYFRSKWYTDYAESLKSRMTINPDTSKN
EFSLHLKSVTSDDTAVYYCVRGIIFNWPLGGWSFDLWGRGTLVSVSSPSTKGPSVFPLAPSSKSTSGGTAALGCLVKDYF
PEPVTVSWNSGALTSGVHTFPAVLQSSGLYSLSSVVTVPSSSLGTQTYICNVNHKPSNTKVDKRVEPKSC
;
H
2 'polypeptide(L)'
;EIVLTQSPGTLSLSPGDSATLSCRASQSVASSYLAWYQQKPGQSPRLLIYATINRAADIPDRFSGSGSGTDFALTISRLE
PEDFAVYYCQQFDSSSMYTFGQGTKLEITRTVAAPSVFIFPPSDEQLKSGTASVVCLLNNFYPREAKVQWKVDNALQSGN
SQESVTEQDSKDSTYSLSSTLTLSKADYEKHKLYACEVTHQGLSSPVTKSFNRGEC
;
L
#
loop_
_chem_comp.id
_chem_comp.type
_chem_comp.name
_chem_comp.formula
GOL non-polymer GLYCEROL 'C3 H8 O3'
#
# COMPACT_ATOMS: atom_id res chain seq x y z
N GLN A 1 -23.27 -1.78 11.13
CA GLN A 1 -23.39 -2.24 9.75
C GLN A 1 -22.57 -3.53 9.54
N VAL A 2 -21.76 -3.61 8.51
CA VAL A 2 -21.15 -4.87 8.07
C VAL A 2 -19.63 -4.79 8.23
N GLN A 3 -19.06 -5.84 8.82
CA GLN A 3 -17.61 -6.00 8.90
C GLN A 3 -17.22 -7.32 8.28
N LEU A 4 -16.12 -7.30 7.54
CA LEU A 4 -15.58 -8.48 6.87
C LEU A 4 -14.19 -8.74 7.45
N GLN A 5 -14.07 -9.72 8.32
CA GLN A 5 -12.84 -9.99 9.05
C GLN A 5 -12.08 -11.14 8.38
N GLN A 6 -10.89 -10.85 7.87
CA GLN A 6 -10.12 -11.84 7.13
C GLN A 6 -9.03 -12.43 8.00
N SER A 7 -8.72 -13.70 7.75
CA SER A 7 -7.69 -14.40 8.50
C SER A 7 -7.11 -15.49 7.63
N GLY A 8 -5.92 -15.95 8.02
CA GLY A 8 -5.21 -16.96 7.28
C GLY A 8 -3.74 -16.63 7.15
N PRO A 9 -2.92 -17.64 6.84
CA PRO A 9 -1.46 -17.45 6.84
C PRO A 9 -0.99 -16.46 5.77
N GLY A 10 0.01 -15.64 6.14
CA GLY A 10 0.62 -14.72 5.19
C GLY A 10 1.72 -15.33 4.34
N LEU A 11 2.13 -16.55 4.66
CA LEU A 11 3.24 -17.25 4.00
C LEU A 11 2.79 -18.65 3.66
N VAL A 12 2.97 -19.06 2.40
CA VAL A 12 2.63 -20.40 1.94
C VAL A 12 3.78 -20.91 1.09
N LYS A 13 4.15 -22.19 1.28
CA LYS A 13 5.27 -22.70 0.48
C LYS A 13 4.79 -23.04 -0.93
N PRO A 14 5.69 -22.89 -1.93
CA PRO A 14 5.34 -23.29 -3.29
C PRO A 14 4.82 -24.72 -3.31
N SER A 15 3.79 -24.95 -4.12
CA SER A 15 3.11 -26.23 -4.35
C SER A 15 2.12 -26.58 -3.25
N GLN A 16 2.04 -25.82 -2.16
CA GLN A 16 1.11 -26.14 -1.08
C GLN A 16 -0.19 -25.38 -1.31
N THR A 17 -1.14 -25.52 -0.39
CA THR A 17 -2.47 -24.93 -0.58
C THR A 17 -2.62 -23.67 0.25
N LEU A 18 -3.10 -22.59 -0.39
N LEU A 18 -3.01 -22.59 -0.42
CA LEU A 18 -3.31 -21.29 0.25
CA LEU A 18 -3.39 -21.35 0.21
C LEU A 18 -4.76 -21.18 0.70
C LEU A 18 -4.80 -21.48 0.76
N SER A 19 -4.99 -21.09 2.01
CA SER A 19 -6.33 -21.04 2.60
C SER A 19 -6.53 -19.72 3.33
N LEU A 20 -7.70 -19.10 3.12
CA LEU A 20 -8.06 -17.88 3.84
C LEU A 20 -9.54 -17.93 4.20
N THR A 21 -9.91 -17.21 5.25
N THR A 21 -9.92 -17.19 5.24
CA THR A 21 -11.30 -17.19 5.67
CA THR A 21 -11.29 -17.20 5.72
C THR A 21 -11.77 -15.74 5.84
C THR A 21 -11.79 -15.77 5.91
N CYS A 22 -13.04 -15.52 5.52
CA CYS A 22 -13.70 -14.23 5.72
C CYS A 22 -14.88 -14.45 6.65
N ALA A 23 -14.85 -13.85 7.85
CA ALA A 23 -15.92 -13.95 8.83
C ALA A 23 -16.77 -12.69 8.75
N ILE A 24 -18.07 -12.85 8.51
CA ILE A 24 -18.98 -11.75 8.24
C ILE A 24 -19.72 -11.39 9.52
N SER A 25 -19.81 -10.09 9.82
CA SER A 25 -20.68 -9.57 10.88
C SER A 25 -21.57 -8.49 10.30
N GLY A 26 -22.88 -8.56 10.59
CA GLY A 26 -23.79 -7.57 10.07
C GLY A 26 -24.48 -7.94 8.78
N ASP A 27 -24.13 -9.07 8.16
CA ASP A 27 -24.88 -9.60 7.04
C ASP A 27 -24.82 -11.11 7.15
N SER A 28 -25.55 -11.80 6.28
CA SER A 28 -25.64 -13.26 6.32
C SER A 28 -24.93 -13.85 5.11
N VAL A 29 -24.08 -14.85 5.37
CA VAL A 29 -23.40 -15.53 4.27
C VAL A 29 -24.39 -16.22 3.35
N SER A 30 -25.60 -16.53 3.84
CA SER A 30 -26.60 -17.23 3.04
C SER A 30 -27.72 -16.30 2.58
N SER A 31 -27.52 -14.98 2.63
CA SER A 31 -28.56 -14.06 2.17
C SER A 31 -28.79 -14.25 0.68
N ASN A 32 -30.04 -14.21 0.26
CA ASN A 32 -30.32 -14.45 -1.16
C ASN A 32 -30.27 -13.16 -1.99
N SER A 33 -29.76 -12.06 -1.44
CA SER A 33 -29.68 -10.80 -2.16
C SER A 33 -28.26 -10.28 -2.33
N VAL A 34 -27.25 -11.07 -1.96
CA VAL A 34 -25.85 -10.70 -2.14
C VAL A 34 -25.10 -11.94 -2.60
N ALA A 35 -23.82 -11.75 -2.93
CA ALA A 35 -22.90 -12.88 -3.18
C ALA A 35 -21.57 -12.55 -2.54
N TRP A 36 -20.81 -13.60 -2.24
CA TRP A 36 -19.59 -13.48 -1.45
C TRP A 36 -18.41 -13.88 -2.31
N ASN A 37 -17.46 -12.97 -2.51
CA ASN A 37 -16.39 -13.11 -3.52
C ASN A 37 -15.01 -13.07 -2.88
N TRP A 38 -14.04 -13.62 -3.60
CA TRP A 38 -12.62 -13.41 -3.36
C TRP A 38 -12.02 -12.75 -4.58
N ILE A 39 -11.26 -11.68 -4.36
CA ILE A 39 -10.59 -10.93 -5.42
C ILE A 39 -9.18 -10.68 -4.95
N ARG A 40 -8.18 -10.83 -5.82
CA ARG A 40 -6.81 -10.56 -5.41
C ARG A 40 -6.19 -9.45 -6.26
N GLN A 41 -5.06 -8.94 -5.78
CA GLN A 41 -4.38 -7.82 -6.44
C GLN A 41 -2.88 -8.02 -6.34
N SER A 42 -2.18 -7.84 -7.46
CA SER A 42 -0.74 -7.87 -7.51
C SER A 42 -0.28 -6.75 -8.44
N PRO A 43 0.97 -6.28 -8.28
CA PRO A 43 1.44 -5.20 -9.16
C PRO A 43 1.50 -5.61 -10.62
N SER A 44 1.79 -6.88 -10.88
CA SER A 44 1.89 -7.35 -12.26
C SER A 44 0.51 -7.58 -12.88
N ARG A 45 -0.33 -8.38 -12.22
CA ARG A 45 -1.60 -8.82 -12.79
C ARG A 45 -2.76 -7.88 -12.50
N GLY A 46 -2.61 -6.89 -11.62
CA GLY A 46 -3.73 -6.01 -11.32
C GLY A 46 -4.79 -6.70 -10.46
N LEU A 47 -6.03 -6.23 -10.59
CA LEU A 47 -7.15 -6.80 -9.84
C LEU A 47 -7.72 -7.99 -10.60
N GLU A 48 -7.86 -9.12 -9.90
CA GLU A 48 -8.29 -10.37 -10.52
C GLU A 48 -9.39 -11.00 -9.67
N TRP A 49 -10.60 -11.09 -10.23
CA TRP A 49 -11.66 -11.79 -9.53
C TRP A 49 -11.41 -13.29 -9.55
N LEU A 50 -11.54 -13.94 -8.40
CA LEU A 50 -11.23 -15.36 -8.29
C LEU A 50 -12.48 -16.24 -8.27
N GLY A 51 -13.52 -15.85 -7.55
CA GLY A 51 -14.69 -16.69 -7.48
C GLY A 51 -15.70 -16.14 -6.48
N ARG A 52 -16.85 -16.81 -6.41
CA ARG A 52 -17.89 -16.38 -5.49
C ARG A 52 -18.73 -17.58 -5.07
N THR A 53 -19.41 -17.41 -3.94
CA THR A 53 -20.42 -18.38 -3.50
C THR A 53 -21.62 -17.58 -3.04
N TYR A 54 -22.80 -18.17 -3.19
CA TYR A 54 -24.04 -17.49 -2.82
C TYR A 54 -25.14 -18.53 -2.71
N PHE A 55 -26.14 -18.22 -1.90
CA PHE A 55 -27.20 -19.15 -1.60
C PHE A 55 -28.50 -18.63 -2.21
N ARG A 56 -29.14 -19.46 -3.07
CA ARG A 56 -30.51 -19.22 -3.54
C ARG A 56 -31.27 -20.54 -3.41
N SER A 57 -31.73 -20.84 -2.20
CA SER A 57 -32.41 -22.10 -1.87
C SER A 57 -31.49 -23.31 -2.04
N LYS A 58 -30.29 -23.10 -2.60
CA LYS A 58 -29.19 -24.04 -2.54
C LYS A 58 -27.93 -23.26 -2.84
N TRP A 59 -26.78 -23.86 -2.50
CA TRP A 59 -25.51 -23.16 -2.67
C TRP A 59 -25.01 -23.28 -4.10
N TYR A 60 -24.44 -22.19 -4.60
CA TYR A 60 -23.82 -22.14 -5.91
C TYR A 60 -22.39 -21.64 -5.75
N THR A 61 -21.51 -22.06 -6.63
CA THR A 61 -20.18 -21.45 -6.69
C THR A 61 -19.84 -21.20 -8.15
N ASP A 62 -19.08 -20.13 -8.39
CA ASP A 62 -18.54 -19.83 -9.71
C ASP A 62 -17.09 -19.46 -9.50
N TYR A 63 -16.22 -19.97 -10.36
CA TYR A 63 -14.79 -19.69 -10.26
C TYR A 63 -14.28 -19.13 -11.58
N ALA A 64 -13.23 -18.32 -11.50
CA ALA A 64 -12.57 -17.84 -12.71
C ALA A 64 -12.09 -19.04 -13.55
N GLU A 65 -12.32 -18.95 -14.86
CA GLU A 65 -12.04 -20.08 -15.74
C GLU A 65 -10.59 -20.54 -15.62
N SER A 66 -9.65 -19.61 -15.46
CA SER A 66 -8.24 -19.97 -15.36
C SER A 66 -7.91 -20.72 -14.08
N LEU A 67 -8.77 -20.64 -13.06
CA LEU A 67 -8.53 -21.29 -11.77
C LEU A 67 -9.53 -22.41 -11.44
N LYS A 68 -10.48 -22.71 -12.33
CA LYS A 68 -11.59 -23.60 -12.00
C LYS A 68 -11.13 -24.93 -11.41
N SER A 69 -9.97 -25.43 -11.83
CA SER A 69 -9.52 -26.71 -11.28
C SER A 69 -8.87 -26.54 -9.92
N ARG A 70 -8.24 -25.40 -9.67
CA ARG A 70 -7.33 -25.25 -8.54
C ARG A 70 -7.98 -24.69 -7.29
N MET A 71 -9.23 -24.23 -7.38
N MET A 71 -9.15 -24.10 -7.38
CA MET A 71 -9.83 -23.43 -6.33
CA MET A 71 -9.65 -23.35 -6.24
C MET A 71 -11.08 -24.09 -5.78
C MET A 71 -11.09 -23.73 -5.90
N THR A 72 -11.39 -23.76 -4.53
N THR A 72 -11.36 -23.77 -4.61
CA THR A 72 -12.68 -24.11 -3.93
CA THR A 72 -12.71 -23.96 -4.10
C THR A 72 -13.06 -23.02 -2.95
C THR A 72 -13.03 -22.82 -3.15
N ILE A 73 -14.33 -22.64 -2.93
CA ILE A 73 -14.85 -21.69 -1.96
C ILE A 73 -15.93 -22.43 -1.18
N ASN A 74 -15.86 -22.36 0.15
CA ASN A 74 -16.75 -23.13 1.01
C ASN A 74 -17.43 -22.20 2.01
N PRO A 75 -18.74 -22.07 1.98
CA PRO A 75 -19.42 -21.29 3.02
C PRO A 75 -19.62 -22.13 4.28
N ASP A 76 -19.70 -21.44 5.41
CA ASP A 76 -19.98 -22.08 6.71
C ASP A 76 -21.06 -21.25 7.38
N THR A 77 -22.28 -21.77 7.41
CA THR A 77 -23.40 -21.01 7.94
C THR A 77 -23.36 -20.91 9.46
N SER A 78 -22.83 -21.92 10.14
CA SER A 78 -22.82 -21.88 11.61
C SER A 78 -21.89 -20.79 12.14
N LYS A 79 -20.79 -20.51 11.44
CA LYS A 79 -19.86 -19.44 11.80
C LYS A 79 -20.05 -18.17 10.96
N ASN A 80 -21.00 -18.17 10.04
CA ASN A 80 -21.26 -17.04 9.14
C ASN A 80 -19.98 -16.57 8.44
N GLU A 81 -19.34 -17.51 7.75
CA GLU A 81 -18.07 -17.21 7.10
C GLU A 81 -17.98 -17.97 5.78
N PHE A 82 -16.98 -17.61 4.98
CA PHE A 82 -16.67 -18.36 3.78
C PHE A 82 -15.17 -18.33 3.56
N SER A 83 -14.64 -19.39 2.97
CA SER A 83 -13.19 -19.56 2.90
CA SER A 83 -13.19 -19.58 2.90
C SER A 83 -12.76 -19.86 1.47
N LEU A 84 -11.50 -19.55 1.19
N LEU A 84 -11.50 -19.53 1.20
CA LEU A 84 -10.87 -19.78 -0.10
CA LEU A 84 -10.84 -19.79 -0.07
C LEU A 84 -9.77 -20.83 0.06
C LEU A 84 -9.84 -20.91 0.12
N HIS A 85 -9.72 -21.78 -0.87
CA HIS A 85 -8.67 -22.81 -0.88
C HIS A 85 -8.10 -22.86 -2.28
N LEU A 86 -6.83 -22.47 -2.44
CA LEU A 86 -6.18 -22.43 -3.74
C LEU A 86 -5.00 -23.40 -3.73
N LYS A 87 -5.09 -24.46 -4.55
CA LYS A 87 -4.12 -25.54 -4.51
C LYS A 87 -2.91 -25.22 -5.38
N SER A 88 -1.79 -25.89 -5.09
CA SER A 88 -0.62 -25.93 -5.97
C SER A 88 -0.10 -24.54 -6.30
N VAL A 89 0.07 -23.74 -5.26
CA VAL A 89 0.36 -22.33 -5.50
C VAL A 89 1.80 -22.14 -6.00
N THR A 90 2.01 -21.07 -6.78
CA THR A 90 3.34 -20.67 -7.21
C THR A 90 3.51 -19.19 -6.90
N SER A 91 4.69 -18.63 -7.18
CA SER A 91 4.88 -17.20 -6.94
C SER A 91 3.90 -16.32 -7.72
N ASP A 92 3.27 -16.83 -8.78
CA ASP A 92 2.21 -16.06 -9.44
C ASP A 92 1.00 -15.83 -8.55
N ASP A 93 0.85 -16.60 -7.48
CA ASP A 93 -0.26 -16.44 -6.55
C ASP A 93 0.09 -15.51 -5.38
N THR A 94 1.31 -14.97 -5.34
CA THR A 94 1.64 -13.95 -4.35
C THR A 94 0.81 -12.70 -4.65
N ALA A 95 0.01 -12.26 -3.69
CA ALA A 95 -0.94 -11.18 -3.94
C ALA A 95 -1.55 -10.74 -2.61
N VAL A 96 -2.23 -9.59 -2.64
CA VAL A 96 -3.17 -9.22 -1.58
C VAL A 96 -4.52 -9.81 -1.95
N TYR A 97 -5.14 -10.56 -1.02
CA TYR A 97 -6.41 -11.22 -1.24
C TYR A 97 -7.49 -10.51 -0.46
N TYR A 98 -8.58 -10.15 -1.14
CA TYR A 98 -9.69 -9.43 -0.52
C TYR A 98 -10.93 -10.31 -0.51
N CYS A 99 -11.68 -10.28 0.59
CA CYS A 99 -13.04 -10.80 0.52
C CYS A 99 -14.00 -9.64 0.30
N VAL A 100 -15.02 -9.87 -0.52
CA VAL A 100 -15.72 -8.77 -1.17
C VAL A 100 -17.20 -9.13 -1.29
N ARG A 101 -18.08 -8.21 -0.88
CA ARG A 101 -19.52 -8.44 -1.06
C ARG A 101 -19.93 -7.95 -2.45
N GLY A 102 -20.63 -8.81 -3.19
CA GLY A 102 -21.27 -8.41 -4.44
C GLY A 102 -22.75 -8.18 -4.20
N ILE A 103 -23.30 -7.16 -4.87
CA ILE A 103 -24.70 -6.80 -4.73
C ILE A 103 -25.22 -6.31 -6.08
N ILE A 104 -26.51 -6.53 -6.34
CA ILE A 104 -27.18 -5.92 -7.49
C ILE A 104 -28.15 -4.87 -6.94
N PHE A 105 -27.78 -3.59 -7.01
CA PHE A 105 -28.73 -2.55 -6.65
C PHE A 105 -29.87 -2.50 -7.66
N ASN A 106 -31.10 -2.30 -7.17
CA ASN A 106 -32.29 -2.15 -8.01
C ASN A 106 -32.51 -3.40 -8.88
N TRP A 107 -32.22 -4.57 -8.31
CA TRP A 107 -32.52 -5.83 -8.97
C TRP A 107 -34.03 -5.93 -9.24
N PRO A 108 -34.45 -6.52 -10.38
CA PRO A 108 -33.65 -7.23 -11.39
C PRO A 108 -33.08 -6.38 -12.53
N LEU A 109 -33.32 -5.07 -12.53
CA LEU A 109 -32.83 -4.25 -13.64
C LEU A 109 -31.34 -3.90 -13.51
N GLY A 110 -30.79 -3.93 -12.31
CA GLY A 110 -29.41 -3.52 -12.11
C GLY A 110 -28.42 -4.57 -12.58
N GLY A 111 -27.15 -4.33 -12.24
CA GLY A 111 -26.09 -5.29 -12.46
C GLY A 111 -25.18 -5.35 -11.25
N TRP A 112 -24.19 -6.24 -11.33
CA TRP A 112 -23.30 -6.49 -10.21
C TRP A 112 -22.43 -5.27 -9.90
N SER A 113 -22.26 -5.00 -8.60
CA SER A 113 -21.18 -4.13 -8.13
C SER A 113 -20.60 -4.70 -6.85
N PHE A 114 -19.32 -4.42 -6.61
CA PHE A 114 -18.60 -4.92 -5.44
C PHE A 114 -18.61 -3.81 -4.40
N ASP A 115 -19.60 -3.84 -3.49
CA ASP A 115 -19.80 -2.66 -2.67
C ASP A 115 -19.06 -2.65 -1.34
N LEU A 116 -18.62 -3.79 -0.81
CA LEU A 116 -17.86 -3.82 0.44
C LEU A 116 -16.63 -4.70 0.27
N TRP A 117 -15.47 -4.18 0.67
CA TRP A 117 -14.22 -4.91 0.52
C TRP A 117 -13.55 -5.03 1.89
N GLY A 118 -13.09 -6.24 2.23
CA GLY A 118 -12.32 -6.40 3.46
C GLY A 118 -10.98 -5.70 3.36
N ARG A 119 -10.24 -5.68 4.49
CA ARG A 119 -8.94 -5.01 4.49
C ARG A 119 -7.88 -5.73 3.65
N GLY A 120 -8.02 -7.01 3.41
CA GLY A 120 -7.06 -7.66 2.53
C GLY A 120 -5.89 -8.29 3.26
N THR A 121 -5.45 -9.43 2.77
CA THR A 121 -4.40 -10.22 3.39
C THR A 121 -3.31 -10.43 2.36
N LEU A 122 -2.09 -9.96 2.67
CA LEU A 122 -0.94 -10.24 1.81
C LEU A 122 -0.50 -11.68 2.04
N VAL A 123 -0.44 -12.46 0.96
CA VAL A 123 0.07 -13.82 1.03
C VAL A 123 1.30 -13.90 0.13
N SER A 124 2.41 -14.37 0.69
CA SER A 124 3.65 -14.53 -0.05
C SER A 124 3.90 -16.01 -0.27
N VAL A 125 4.11 -16.41 -1.52
CA VAL A 125 4.39 -17.80 -1.85
C VAL A 125 5.90 -17.92 -1.96
N SER A 126 6.51 -18.46 -0.91
N SER A 126 6.51 -18.45 -0.89
CA SER A 126 7.96 -18.47 -0.81
CA SER A 126 7.95 -18.41 -0.67
C SER A 126 8.38 -19.57 0.17
C SER A 126 8.36 -19.60 0.18
N SER A 127 9.56 -20.14 -0.09
CA SER A 127 10.11 -21.23 0.72
C SER A 127 10.80 -20.86 2.03
N PRO A 128 11.48 -19.72 2.20
CA PRO A 128 12.18 -19.47 3.48
C PRO A 128 11.24 -19.47 4.67
N SER A 129 11.80 -19.76 5.84
CA SER A 129 11.02 -19.70 7.07
CA SER A 129 11.04 -19.71 7.08
C SER A 129 10.86 -18.26 7.55
N THR A 130 9.88 -18.05 8.41
CA THR A 130 9.63 -16.70 8.91
CA THR A 130 9.62 -16.71 8.94
C THR A 130 10.77 -16.26 9.84
N LYS A 131 10.99 -14.96 9.89
CA LYS A 131 12.00 -14.38 10.75
C LYS A 131 11.49 -13.03 11.25
N GLY A 132 11.50 -12.84 12.56
CA GLY A 132 11.05 -11.59 13.13
C GLY A 132 12.10 -10.50 13.05
N PRO A 133 11.67 -9.25 13.09
CA PRO A 133 12.60 -8.13 12.90
C PRO A 133 13.36 -7.75 14.17
N SER A 134 14.54 -7.17 13.95
CA SER A 134 15.21 -6.37 14.95
C SER A 134 14.76 -4.92 14.77
N VAL A 135 14.53 -4.22 15.88
CA VAL A 135 14.02 -2.85 15.83
C VAL A 135 15.04 -1.94 16.50
N PHE A 136 15.54 -0.96 15.74
CA PHE A 136 16.56 -0.04 16.23
C PHE A 136 16.05 1.39 16.20
N PRO A 137 16.40 2.21 17.19
CA PRO A 137 15.93 3.59 17.19
C PRO A 137 16.69 4.46 16.20
N LEU A 138 15.97 5.41 15.62
CA LEU A 138 16.56 6.50 14.84
C LEU A 138 16.46 7.75 15.69
N ALA A 139 17.52 8.07 16.41
CA ALA A 139 17.37 9.05 17.48
C ALA A 139 17.44 10.47 16.92
N PRO A 140 16.62 11.38 17.42
CA PRO A 140 16.81 12.81 17.09
C PRO A 140 18.12 13.30 17.68
N SER A 141 18.92 13.98 16.87
CA SER A 141 20.27 14.36 17.25
C SER A 141 20.45 15.86 17.08
N SER A 142 20.85 16.54 18.16
CA SER A 142 21.15 17.97 18.15
C SER A 142 20.02 18.79 17.53
N LYS A 143 18.79 18.29 17.67
CA LYS A 143 17.61 18.93 17.13
C LYS A 143 16.66 19.37 18.25
N SER A 144 17.22 19.95 19.32
CA SER A 144 16.42 20.44 20.43
C SER A 144 16.05 21.92 20.28
N THR A 145 16.88 22.70 19.59
CA THR A 145 16.57 24.08 19.23
C THR A 145 16.87 24.32 17.75
N SER A 146 16.75 23.26 16.94
CA SER A 146 17.04 23.34 15.51
C SER A 146 15.73 23.53 14.74
N GLY A 147 15.13 24.70 14.95
CA GLY A 147 13.92 25.08 14.25
C GLY A 147 12.62 24.64 14.88
N GLY A 148 12.67 23.91 15.99
CA GLY A 148 11.46 23.47 16.65
C GLY A 148 10.94 22.12 16.19
N THR A 149 11.50 21.54 15.13
CA THR A 149 11.07 20.23 14.65
C THR A 149 12.19 19.23 14.80
N ALA A 150 11.88 18.10 15.42
CA ALA A 150 12.81 16.97 15.52
C ALA A 150 12.25 15.78 14.75
N ALA A 151 13.12 15.12 13.99
CA ALA A 151 12.75 13.89 13.33
C ALA A 151 13.29 12.73 14.15
N LEU A 152 12.45 11.71 14.35
CA LEU A 152 12.90 10.49 14.99
C LEU A 152 12.22 9.32 14.31
N GLY A 153 12.67 8.11 14.62
CA GLY A 153 12.06 6.99 13.96
C GLY A 153 12.55 5.65 14.48
N CYS A 154 12.16 4.61 13.76
CA CYS A 154 12.57 3.24 14.05
C CYS A 154 13.01 2.58 12.75
N LEU A 155 14.14 1.89 12.81
CA LEU A 155 14.62 1.03 11.74
C LEU A 155 14.20 -0.41 12.04
N VAL A 156 13.44 -1.01 11.13
CA VAL A 156 12.85 -2.33 11.33
C VAL A 156 13.55 -3.26 10.35
N LYS A 157 14.48 -4.07 10.86
CA LYS A 157 15.48 -4.69 10.00
C LYS A 157 15.46 -6.21 10.10
N ASP A 158 15.69 -6.86 8.94
CA ASP A 158 15.99 -8.29 8.85
C ASP A 158 14.80 -9.19 9.22
N TYR A 159 13.66 -8.96 8.57
CA TYR A 159 12.49 -9.78 8.79
C TYR A 159 12.02 -10.44 7.48
N PHE A 160 11.19 -11.47 7.63
CA PHE A 160 10.65 -12.19 6.49
C PHE A 160 9.42 -12.98 6.90
N PRO A 161 8.35 -12.99 6.11
CA PRO A 161 8.17 -12.18 4.90
C PRO A 161 7.53 -10.85 5.25
N GLU A 162 7.10 -10.10 4.24
CA GLU A 162 6.25 -8.96 4.51
C GLU A 162 4.89 -9.46 4.99
N PRO A 163 4.11 -8.61 5.68
CA PRO A 163 4.38 -7.23 6.08
C PRO A 163 4.68 -7.07 7.56
N VAL A 164 5.22 -5.92 7.91
CA VAL A 164 5.22 -5.44 9.29
C VAL A 164 4.29 -4.24 9.35
N THR A 165 3.69 -4.00 10.50
CA THR A 165 2.95 -2.79 10.73
C THR A 165 3.63 -2.00 11.84
N VAL A 166 3.64 -0.67 11.70
CA VAL A 166 4.27 0.21 12.68
C VAL A 166 3.26 1.26 13.11
N SER A 167 3.07 1.40 14.42
CA SER A 167 2.32 2.51 14.95
C SER A 167 3.23 3.28 15.91
N TRP A 168 2.75 4.44 16.34
CA TRP A 168 3.49 5.30 17.25
C TRP A 168 2.62 5.64 18.44
N ASN A 169 3.16 5.39 19.64
CA ASN A 169 2.45 5.62 20.90
C ASN A 169 1.10 4.93 20.91
N SER A 170 1.09 3.68 20.43
CA SER A 170 -0.10 2.83 20.41
C SER A 170 -1.24 3.46 19.63
N GLY A 171 -0.90 4.14 18.53
CA GLY A 171 -1.87 4.75 17.66
C GLY A 171 -2.24 6.18 18.02
N ALA A 172 -1.74 6.71 19.14
CA ALA A 172 -2.08 8.07 19.54
C ALA A 172 -1.30 9.13 18.77
N LEU A 173 -0.21 8.75 18.12
CA LEU A 173 0.57 9.67 17.30
C LEU A 173 0.45 9.20 15.85
N THR A 174 -0.23 10.01 15.04
CA THR A 174 -0.45 9.67 13.64
C THR A 174 -0.02 10.77 12.68
N SER A 175 -0.23 12.04 13.04
N SER A 175 -0.24 12.04 13.03
CA SER A 175 0.17 13.12 12.14
CA SER A 175 0.18 13.13 12.17
C SER A 175 1.68 13.24 12.07
C SER A 175 1.71 13.16 12.07
N GLY A 176 2.20 13.41 10.86
CA GLY A 176 3.63 13.49 10.64
C GLY A 176 4.36 12.17 10.54
N VAL A 177 3.64 11.05 10.62
CA VAL A 177 4.27 9.74 10.47
C VAL A 177 4.43 9.40 9.01
N HIS A 178 5.61 8.93 8.62
CA HIS A 178 5.83 8.32 7.33
C HIS A 178 6.45 6.95 7.54
N THR A 179 5.76 5.90 7.14
CA THR A 179 6.32 4.56 7.15
C THR A 179 6.61 4.17 5.71
N PHE A 180 7.87 3.89 5.41
CA PHE A 180 8.30 3.72 4.03
C PHE A 180 8.09 2.28 3.56
N PRO A 181 7.99 2.08 2.25
CA PRO A 181 7.98 0.70 1.72
C PRO A 181 9.26 -0.04 2.09
N ALA A 182 9.12 -1.33 2.39
CA ALA A 182 10.31 -2.12 2.71
C ALA A 182 11.17 -2.32 1.46
N VAL A 183 12.45 -2.50 1.69
CA VAL A 183 13.36 -2.93 0.61
C VAL A 183 13.86 -4.31 0.96
N LEU A 184 14.09 -5.10 -0.08
CA LEU A 184 14.66 -6.44 0.08
C LEU A 184 16.19 -6.33 0.00
N GLN A 185 16.87 -6.74 1.06
CA GLN A 185 18.33 -6.73 1.10
C GLN A 185 18.89 -7.96 0.40
N SER A 186 20.21 -7.93 0.14
CA SER A 186 20.84 -9.05 -0.55
C SER A 186 20.73 -10.35 0.25
N SER A 187 20.55 -10.26 1.57
CA SER A 187 20.32 -11.44 2.42
C SER A 187 19.00 -12.14 2.14
N GLY A 188 18.07 -11.50 1.42
CA GLY A 188 16.72 -12.00 1.27
C GLY A 188 15.81 -11.63 2.42
N LEU A 189 16.23 -10.75 3.31
CA LEU A 189 15.42 -10.24 4.41
C LEU A 189 15.04 -8.79 4.13
N TYR A 190 13.87 -8.37 4.61
CA TYR A 190 13.36 -7.03 4.38
C TYR A 190 13.86 -6.05 5.43
N SER A 191 13.83 -4.77 5.07
CA SER A 191 14.20 -3.70 5.99
C SER A 191 13.32 -2.50 5.68
N LEU A 192 12.85 -1.83 6.73
CA LEU A 192 11.91 -0.74 6.59
C LEU A 192 12.20 0.30 7.66
N SER A 193 11.91 1.56 7.38
CA SER A 193 11.99 2.61 8.38
CA SER A 193 11.99 2.61 8.38
C SER A 193 10.63 3.28 8.53
N SER A 194 10.36 3.75 9.75
CA SER A 194 9.19 4.56 10.04
C SER A 194 9.70 5.78 10.80
N VAL A 195 9.32 6.98 10.36
CA VAL A 195 9.77 8.21 11.00
C VAL A 195 8.57 9.08 11.34
N VAL A 196 8.79 10.02 12.26
CA VAL A 196 7.80 11.02 12.60
C VAL A 196 8.54 12.30 12.98
N THR A 197 7.93 13.44 12.68
CA THR A 197 8.46 14.73 13.11
C THR A 197 7.64 15.24 14.28
N VAL A 198 8.33 15.76 15.29
CA VAL A 198 7.73 16.18 16.55
C VAL A 198 8.32 17.51 16.98
N PRO A 199 7.63 18.25 17.84
CA PRO A 199 8.21 19.50 18.36
C PRO A 199 9.47 19.20 19.16
N SER A 200 10.54 19.93 18.85
CA SER A 200 11.79 19.75 19.58
C SER A 200 11.59 19.95 21.08
N SER A 201 10.76 20.91 21.46
CA SER A 201 10.55 21.20 22.87
C SER A 201 9.98 20.01 23.63
N SER A 202 9.32 19.07 22.95
CA SER A 202 8.64 17.98 23.62
C SER A 202 9.56 16.80 23.93
N LEU A 203 10.81 16.82 23.44
CA LEU A 203 11.67 15.65 23.56
C LEU A 203 11.96 15.31 25.02
N GLY A 204 12.06 16.33 25.88
CA GLY A 204 12.31 16.05 27.29
C GLY A 204 11.10 15.52 28.02
N THR A 205 9.89 15.95 27.61
CA THR A 205 8.67 15.62 28.32
C THR A 205 7.89 14.46 27.70
N GLN A 206 7.82 14.38 26.37
CA GLN A 206 6.98 13.40 25.71
C GLN A 206 7.76 12.12 25.40
N THR A 207 7.19 10.98 25.75
CA THR A 207 7.74 9.68 25.39
C THR A 207 7.24 9.27 24.00
N TYR A 208 8.15 8.73 23.19
CA TYR A 208 7.83 8.31 21.83
C TYR A 208 8.22 6.85 21.65
N ILE A 209 7.23 6.00 21.39
CA ILE A 209 7.46 4.57 21.24
C ILE A 209 6.90 4.15 19.88
N CYS A 210 7.73 3.44 19.11
CA CYS A 210 7.22 2.80 17.90
C CYS A 210 6.80 1.38 18.26
N ASN A 211 5.60 1.00 17.83
CA ASN A 211 5.06 -0.32 18.09
C ASN A 211 5.12 -1.09 16.77
N VAL A 212 5.96 -2.13 16.73
CA VAL A 212 6.20 -2.92 15.54
C VAL A 212 5.55 -4.29 15.72
N ASN A 213 4.76 -4.70 14.74
CA ASN A 213 4.08 -5.99 14.80
C ASN A 213 4.41 -6.76 13.52
N HIS A 214 4.96 -7.96 13.67
CA HIS A 214 5.25 -8.84 12.53
C HIS A 214 4.45 -10.12 12.73
N LYS A 215 3.24 -10.12 12.19
CA LYS A 215 2.33 -11.24 12.42
C LYS A 215 2.87 -12.59 11.97
N PRO A 216 3.48 -12.74 10.79
CA PRO A 216 3.97 -14.07 10.38
C PRO A 216 4.88 -14.76 11.40
N SER A 217 5.63 -14.01 12.20
CA SER A 217 6.52 -14.59 13.20
C SER A 217 6.00 -14.43 14.62
N ASN A 218 4.79 -13.88 14.80
CA ASN A 218 4.23 -13.61 16.12
C ASN A 218 5.16 -12.73 16.94
N THR A 219 5.80 -11.78 16.27
CA THR A 219 6.75 -10.88 16.89
C THR A 219 6.09 -9.52 17.09
N LYS A 220 6.19 -9.00 18.31
CA LYS A 220 5.74 -7.64 18.61
C LYS A 220 6.83 -6.96 19.41
N VAL A 221 7.20 -5.75 19.00
CA VAL A 221 8.27 -4.99 19.64
C VAL A 221 7.78 -3.58 19.90
N ASP A 222 7.98 -3.10 21.12
CA ASP A 222 7.75 -1.70 21.50
C ASP A 222 9.11 -1.11 21.82
N LYS A 223 9.56 -0.15 21.02
CA LYS A 223 10.88 0.45 21.17
C LYS A 223 10.75 1.93 21.49
N ARG A 224 11.26 2.34 22.64
CA ARG A 224 11.28 3.75 23.01
C ARG A 224 12.41 4.45 22.28
N VAL A 225 12.12 5.60 21.67
CA VAL A 225 13.11 6.37 20.93
C VAL A 225 13.32 7.68 21.68
N GLU A 226 14.56 7.91 22.12
CA GLU A 226 14.92 9.03 22.97
C GLU A 226 16.07 9.80 22.34
N PRO A 227 16.22 11.08 22.68
CA PRO A 227 17.26 11.89 22.05
C PRO A 227 18.66 11.47 22.48
N LYS A 228 19.64 11.86 21.67
CA LYS A 228 21.04 11.61 21.99
C LYS A 228 21.63 12.78 22.78
N GLU B 1 -12.34 -12.86 -21.36
CA GLU B 1 -12.80 -12.73 -22.75
C GLU B 1 -13.13 -11.27 -23.08
N ILE B 2 -13.86 -10.58 -22.21
CA ILE B 2 -14.05 -9.13 -22.37
C ILE B 2 -12.89 -8.44 -21.66
N VAL B 3 -12.11 -7.68 -22.43
CA VAL B 3 -10.94 -7.00 -21.93
C VAL B 3 -11.29 -5.52 -21.82
N LEU B 4 -10.99 -4.92 -20.66
CA LEU B 4 -11.17 -3.50 -20.42
C LEU B 4 -9.81 -2.81 -20.48
N THR B 5 -9.69 -1.80 -21.34
CA THR B 5 -8.42 -1.10 -21.54
C THR B 5 -8.61 0.34 -21.08
N GLN B 6 -7.90 0.73 -20.01
CA GLN B 6 -8.02 2.07 -19.46
C GLN B 6 -6.94 3.01 -20.00
N SER B 7 -7.31 4.27 -20.17
CA SER B 7 -6.33 5.26 -20.62
C SER B 7 -6.69 6.61 -20.01
N PRO B 8 -5.69 7.47 -19.74
CA PRO B 8 -4.27 7.12 -19.85
C PRO B 8 -3.85 6.25 -18.68
N GLY B 9 -2.65 5.68 -18.72
CA GLY B 9 -2.21 4.87 -17.59
C GLY B 9 -1.91 5.72 -16.37
N THR B 10 -1.39 6.93 -16.59
CA THR B 10 -1.11 7.86 -15.50
C THR B 10 -1.51 9.25 -15.97
N LEU B 11 -2.03 10.05 -15.05
CA LEU B 11 -2.52 11.40 -15.35
C LEU B 11 -2.07 12.28 -14.20
N SER B 12 -1.48 13.44 -14.49
CA SER B 12 -1.09 14.35 -13.42
C SER B 12 -1.80 15.69 -13.63
N LEU B 13 -2.58 16.11 -12.64
CA LEU B 13 -3.40 17.30 -12.77
C LEU B 13 -3.37 18.09 -11.46
N SER B 14 -3.67 19.40 -11.56
CA SER B 14 -3.68 20.31 -10.43
C SER B 14 -5.03 20.28 -9.72
N PRO B 15 -5.04 20.54 -8.42
CA PRO B 15 -6.33 20.73 -7.72
C PRO B 15 -7.16 21.78 -8.45
N GLY B 16 -8.46 21.51 -8.56
CA GLY B 16 -9.34 22.41 -9.26
C GLY B 16 -9.53 22.08 -10.73
N ASP B 17 -8.65 21.27 -11.31
CA ASP B 17 -8.80 20.78 -12.67
C ASP B 17 -9.91 19.74 -12.75
N SER B 18 -10.22 19.32 -13.97
N SER B 18 -10.22 19.32 -13.97
CA SER B 18 -11.13 18.22 -14.24
CA SER B 18 -11.13 18.20 -14.21
C SER B 18 -10.36 17.08 -14.91
C SER B 18 -10.40 17.09 -14.92
N ALA B 19 -10.71 15.85 -14.55
CA ALA B 19 -10.06 14.66 -15.10
C ALA B 19 -11.08 13.82 -15.84
N THR B 20 -10.70 13.34 -17.03
N THR B 20 -10.71 13.34 -17.03
CA THR B 20 -11.51 12.37 -17.76
CA THR B 20 -11.54 12.37 -17.75
C THR B 20 -10.71 11.09 -17.88
C THR B 20 -10.74 11.08 -17.91
N LEU B 21 -11.23 10.00 -17.31
CA LEU B 21 -10.58 8.70 -17.32
C LEU B 21 -11.38 7.79 -18.23
N SER B 22 -10.71 7.13 -19.19
CA SER B 22 -11.41 6.37 -20.22
C SER B 22 -11.28 4.88 -19.99
N CYS B 23 -12.32 4.14 -20.39
CA CYS B 23 -12.34 2.68 -20.29
C CYS B 23 -12.94 2.15 -21.58
N ARG B 24 -12.17 1.33 -22.31
N ARG B 24 -12.14 1.44 -22.37
CA ARG B 24 -12.57 0.82 -23.62
CA ARG B 24 -12.62 0.82 -23.59
C ARG B 24 -12.66 -0.70 -23.59
C ARG B 24 -12.75 -0.68 -23.37
N ALA B 25 -13.85 -1.25 -23.87
CA ALA B 25 -14.09 -2.69 -23.80
C ALA B 25 -13.87 -3.35 -25.16
N SER B 26 -13.36 -4.58 -25.13
CA SER B 26 -13.07 -5.33 -26.36
C SER B 26 -14.34 -5.76 -27.09
N GLN B 27 -15.48 -5.75 -26.42
CA GLN B 27 -16.77 -5.97 -27.04
C GLN B 27 -17.80 -5.29 -26.15
N SER B 28 -19.03 -5.19 -26.66
CA SER B 28 -20.04 -4.40 -25.97
C SER B 28 -20.32 -4.95 -24.58
N VAL B 29 -20.47 -4.03 -23.62
CA VAL B 29 -20.77 -4.34 -22.23
C VAL B 29 -22.16 -3.78 -21.92
N ALA B 30 -23.02 -4.60 -21.34
CA ALA B 30 -24.32 -4.10 -20.91
C ALA B 30 -24.13 -2.99 -19.88
N SER B 31 -24.90 -1.91 -20.02
CA SER B 31 -24.62 -0.72 -19.22
C SER B 31 -24.88 -0.97 -17.73
N SER B 32 -25.82 -1.85 -17.39
CA SER B 32 -26.05 -2.14 -15.98
C SER B 32 -24.86 -2.81 -15.31
N TYR B 33 -23.87 -3.29 -16.06
CA TYR B 33 -22.80 -4.08 -15.47
C TYR B 33 -21.44 -3.40 -15.51
N LEU B 34 -21.37 -2.11 -15.83
CA LEU B 34 -20.11 -1.40 -15.80
C LEU B 34 -20.01 -0.58 -14.51
N ALA B 35 -18.94 -0.81 -13.73
CA ALA B 35 -18.72 -0.11 -12.46
C ALA B 35 -17.31 0.49 -12.41
N TRP B 36 -17.13 1.48 -11.53
CA TRP B 36 -15.84 2.14 -11.31
C TRP B 36 -15.49 2.10 -9.82
N TYR B 37 -14.20 1.92 -9.51
CA TYR B 37 -13.67 1.86 -8.15
C TYR B 37 -12.51 2.83 -7.98
N GLN B 38 -12.32 3.29 -6.74
CA GLN B 38 -11.22 4.19 -6.38
C GLN B 38 -10.38 3.49 -5.33
N GLN B 39 -9.06 3.46 -5.51
CA GLN B 39 -8.20 2.83 -4.52
C GLN B 39 -7.12 3.82 -4.10
N LYS B 40 -7.19 4.27 -2.86
CA LYS B 40 -6.18 5.15 -2.28
C LYS B 40 -5.07 4.33 -1.63
N PRO B 41 -3.89 4.92 -1.46
CA PRO B 41 -2.74 4.14 -0.96
C PRO B 41 -3.00 3.47 0.37
N GLY B 42 -2.61 2.20 0.45
CA GLY B 42 -2.77 1.43 1.65
C GLY B 42 -4.18 0.99 1.95
N GLN B 43 -5.14 1.28 1.07
CA GLN B 43 -6.54 0.97 1.31
C GLN B 43 -7.03 -0.04 0.28
N SER B 44 -8.16 -0.68 0.59
CA SER B 44 -8.82 -1.52 -0.38
CA SER B 44 -8.84 -1.52 -0.38
C SER B 44 -9.60 -0.65 -1.37
N PRO B 45 -9.94 -1.19 -2.54
CA PRO B 45 -10.78 -0.45 -3.48
C PRO B 45 -12.12 -0.09 -2.86
N ARG B 46 -12.68 1.03 -3.33
CA ARG B 46 -13.99 1.52 -2.89
C ARG B 46 -14.88 1.70 -4.10
N LEU B 47 -16.14 1.26 -4.01
CA LEU B 47 -17.08 1.47 -5.11
C LEU B 47 -17.37 2.95 -5.30
N LEU B 48 -17.23 3.43 -6.53
CA LEU B 48 -17.54 4.81 -6.88
C LEU B 48 -18.82 4.95 -7.70
N ILE B 49 -18.91 4.18 -8.80
CA ILE B 49 -19.98 4.27 -9.77
C ILE B 49 -20.43 2.85 -10.07
N TYR B 50 -21.73 2.64 -10.24
CA TYR B 50 -22.22 1.35 -10.71
C TYR B 50 -23.27 1.57 -11.80
N ALA B 51 -23.51 0.53 -12.61
CA ALA B 51 -24.45 0.60 -13.73
C ALA B 51 -24.19 1.84 -14.60
N THR B 52 -22.91 2.09 -14.88
CA THR B 52 -22.32 3.09 -15.77
C THR B 52 -22.45 4.54 -15.29
N ILE B 53 -23.54 4.88 -14.59
CA ILE B 53 -23.85 6.31 -14.36
C ILE B 53 -24.26 6.62 -12.92
N ASN B 54 -24.39 5.60 -12.08
N ASN B 54 -24.43 5.58 -12.10
CA ASN B 54 -25.03 5.77 -10.77
CA ASN B 54 -25.02 5.75 -10.78
C ASN B 54 -23.97 5.88 -9.69
C ASN B 54 -23.91 5.92 -9.74
N ARG B 55 -23.95 7.02 -8.99
CA ARG B 55 -22.99 7.19 -7.91
C ARG B 55 -23.38 6.27 -6.76
N ALA B 56 -22.39 5.63 -6.16
CA ALA B 56 -22.62 4.90 -4.92
C ALA B 56 -23.05 5.88 -3.81
N ALA B 57 -23.63 5.31 -2.75
CA ALA B 57 -24.10 6.14 -1.64
C ALA B 57 -22.98 7.02 -1.10
N ASP B 58 -23.28 8.31 -0.92
CA ASP B 58 -22.40 9.30 -0.30
C ASP B 58 -21.12 9.58 -1.07
N ILE B 59 -21.07 9.19 -2.33
CA ILE B 59 -19.97 9.63 -3.22
C ILE B 59 -20.28 11.05 -3.69
N PRO B 60 -19.30 11.96 -3.62
CA PRO B 60 -19.56 13.36 -4.02
C PRO B 60 -20.00 13.50 -5.46
N ASP B 61 -20.79 14.55 -5.72
CA ASP B 61 -21.30 14.84 -7.06
C ASP B 61 -20.20 15.15 -8.07
N ARG B 62 -18.98 15.46 -7.63
N ARG B 62 -18.98 15.46 -7.63
CA ARG B 62 -17.90 15.72 -8.58
CA ARG B 62 -17.91 15.73 -8.58
C ARG B 62 -17.52 14.49 -9.40
C ARG B 62 -17.45 14.49 -9.34
N PHE B 63 -17.90 13.30 -8.94
CA PHE B 63 -17.61 12.06 -9.67
C PHE B 63 -18.81 11.72 -10.55
N SER B 64 -18.58 11.52 -11.85
CA SER B 64 -19.68 11.14 -12.73
C SER B 64 -19.24 10.13 -13.79
N GLY B 65 -20.13 9.18 -14.09
CA GLY B 65 -19.84 8.14 -15.06
C GLY B 65 -20.66 8.34 -16.32
N SER B 66 -20.11 7.95 -17.47
CA SER B 66 -20.84 8.05 -18.73
C SER B 66 -20.36 6.98 -19.70
N GLY B 67 -21.03 6.90 -20.85
CA GLY B 67 -20.64 5.98 -21.90
C GLY B 67 -21.70 4.93 -22.14
N SER B 68 -21.38 4.05 -23.08
CA SER B 68 -22.26 2.94 -23.49
C SER B 68 -21.49 2.08 -24.49
N GLY B 69 -21.91 0.83 -24.60
CA GLY B 69 -21.35 -0.03 -25.62
C GLY B 69 -19.93 -0.47 -25.30
N THR B 70 -18.97 0.11 -26.01
N THR B 70 -18.96 0.12 -26.00
CA THR B 70 -17.56 -0.19 -25.84
CA THR B 70 -17.55 -0.21 -25.82
C THR B 70 -16.81 0.89 -25.07
C THR B 70 -16.71 0.97 -25.32
N ASP B 71 -17.31 2.12 -25.04
CA ASP B 71 -16.56 3.28 -24.57
C ASP B 71 -17.23 3.87 -23.34
N PHE B 72 -16.48 3.99 -22.25
CA PHE B 72 -16.98 4.49 -20.97
C PHE B 72 -15.99 5.48 -20.39
N ALA B 73 -16.47 6.32 -19.49
CA ALA B 73 -15.61 7.34 -18.92
C ALA B 73 -16.05 7.71 -17.52
N LEU B 74 -15.05 8.03 -16.68
CA LEU B 74 -15.25 8.58 -15.35
C LEU B 74 -14.70 9.99 -15.36
N THR B 75 -15.53 10.98 -15.02
CA THR B 75 -15.11 12.37 -15.00
C THR B 75 -15.09 12.85 -13.57
N ILE B 76 -13.99 13.50 -13.16
CA ILE B 76 -13.86 14.02 -11.81
C ILE B 76 -13.71 15.53 -11.97
N SER B 77 -14.73 16.26 -11.57
N SER B 77 -14.72 16.27 -11.53
CA SER B 77 -14.68 17.71 -11.64
CA SER B 77 -14.69 17.73 -11.60
C SER B 77 -14.09 18.26 -10.34
C SER B 77 -14.12 18.31 -10.31
N ARG B 78 -13.41 19.39 -10.46
N ARG B 78 -13.50 19.49 -10.44
CA ARG B 78 -12.85 20.11 -9.32
CA ARG B 78 -12.91 20.22 -9.32
C ARG B 78 -12.01 19.19 -8.44
C ARG B 78 -12.13 19.28 -8.38
N LEU B 79 -10.90 18.73 -9.03
N LEU B 79 -11.22 18.53 -8.99
CA LEU B 79 -9.98 17.83 -8.36
CA LEU B 79 -10.35 17.60 -8.29
C LEU B 79 -9.57 18.35 -6.99
C LEU B 79 -9.68 18.24 -7.07
N GLU B 80 -9.48 17.44 -6.03
CA GLU B 80 -8.89 17.80 -4.75
C GLU B 80 -7.65 16.92 -4.49
N PRO B 81 -6.71 17.36 -3.64
CA PRO B 81 -5.54 16.52 -3.37
C PRO B 81 -5.88 15.12 -2.87
N GLU B 82 -6.97 15.00 -2.11
CA GLU B 82 -7.41 13.71 -1.60
C GLU B 82 -7.91 12.77 -2.69
N ASP B 83 -8.07 13.25 -3.93
CA ASP B 83 -8.48 12.35 -5.01
C ASP B 83 -7.32 11.54 -5.58
N PHE B 84 -6.09 11.76 -5.09
CA PHE B 84 -4.95 10.92 -5.45
C PHE B 84 -5.31 9.45 -5.21
N ALA B 85 -5.27 8.65 -6.28
CA ALA B 85 -5.79 7.28 -6.21
C ALA B 85 -5.56 6.59 -7.56
N VAL B 86 -5.73 5.27 -7.56
CA VAL B 86 -5.84 4.52 -8.80
C VAL B 86 -7.32 4.21 -9.01
N TYR B 87 -7.81 4.43 -10.23
CA TYR B 87 -9.22 4.28 -10.57
C TYR B 87 -9.34 3.12 -11.55
N TYR B 88 -10.26 2.20 -11.26
CA TYR B 88 -10.43 0.97 -12.03
C TYR B 88 -11.85 0.88 -12.57
N CYS B 89 -11.98 0.46 -13.81
CA CYS B 89 -13.30 0.06 -14.30
C CYS B 89 -13.43 -1.46 -14.23
N GLN B 90 -14.69 -1.93 -14.30
CA GLN B 90 -14.98 -3.33 -14.06
C GLN B 90 -16.27 -3.69 -14.79
N GLN B 91 -16.33 -4.89 -15.35
CA GLN B 91 -17.55 -5.37 -16.00
C GLN B 91 -17.85 -6.82 -15.60
N PHE B 92 -19.02 -7.29 -16.02
CA PHE B 92 -19.43 -8.67 -15.83
C PHE B 92 -20.16 -9.15 -17.08
N ASP B 93 -19.88 -10.39 -17.50
CA ASP B 93 -20.61 -11.01 -18.59
C ASP B 93 -20.66 -12.52 -18.37
N SER B 94 -21.54 -13.20 -19.12
CA SER B 94 -21.74 -14.63 -18.88
C SER B 94 -20.52 -15.46 -19.25
N SER B 95 -19.71 -15.00 -20.18
CA SER B 95 -18.61 -15.80 -20.70
C SER B 95 -17.27 -15.57 -19.99
N SER B 96 -17.05 -14.41 -19.39
CA SER B 96 -15.72 -14.01 -18.91
C SER B 96 -15.81 -13.42 -17.50
N MET B 97 -16.44 -14.17 -16.58
CA MET B 97 -17.40 -13.59 -15.65
C MET B 97 -17.10 -12.13 -15.25
N TYR B 98 -16.18 -11.89 -14.31
CA TYR B 98 -15.88 -10.51 -13.93
C TYR B 98 -14.47 -10.16 -14.37
N THR B 99 -14.29 -8.97 -14.96
CA THR B 99 -12.95 -8.50 -15.30
C THR B 99 -12.80 -7.03 -14.94
N PHE B 100 -11.56 -6.63 -14.69
CA PHE B 100 -11.21 -5.26 -14.33
C PHE B 100 -10.30 -4.66 -15.39
N GLY B 101 -10.35 -3.34 -15.56
CA GLY B 101 -9.29 -2.69 -16.31
C GLY B 101 -8.03 -2.61 -15.46
N GLN B 102 -6.94 -2.16 -16.09
CA GLN B 102 -5.65 -2.16 -15.41
C GLN B 102 -5.42 -0.93 -14.54
N GLY B 103 -6.34 0.03 -14.56
CA GLY B 103 -6.26 1.16 -13.66
C GLY B 103 -5.62 2.38 -14.30
N THR B 104 -6.08 3.55 -13.88
CA THR B 104 -5.46 4.83 -14.22
C THR B 104 -5.03 5.47 -12.91
N LYS B 105 -3.76 5.85 -12.83
CA LYS B 105 -3.24 6.46 -11.61
C LYS B 105 -3.33 7.98 -11.74
N LEU B 106 -4.13 8.60 -10.88
CA LEU B 106 -4.32 10.04 -10.89
C LEU B 106 -3.36 10.65 -9.88
N GLU B 107 -2.37 11.37 -10.38
CA GLU B 107 -1.39 12.06 -9.55
C GLU B 107 -1.76 13.54 -9.47
N ILE B 108 -1.35 14.19 -8.39
CA ILE B 108 -1.71 15.59 -8.14
C ILE B 108 -0.47 16.46 -8.32
N THR B 109 -0.57 17.46 -9.18
CA THR B 109 0.51 18.44 -9.32
C THR B 109 0.34 19.57 -8.33
N ARG B 110 1.45 19.96 -7.69
CA ARG B 110 1.46 21.10 -6.78
C ARG B 110 2.71 21.92 -7.06
N THR B 111 2.86 23.02 -6.33
CA THR B 111 4.04 23.85 -6.48
C THR B 111 5.27 23.17 -5.89
N VAL B 112 6.44 23.52 -6.41
CA VAL B 112 7.68 22.88 -5.98
C VAL B 112 7.89 23.05 -4.48
N ALA B 113 8.30 21.98 -3.80
CA ALA B 113 8.61 22.02 -2.37
C ALA B 113 9.95 21.34 -2.15
N ALA B 114 10.91 22.07 -1.52
CA ALA B 114 12.22 21.51 -1.23
C ALA B 114 12.14 20.54 -0.05
N PRO B 115 12.95 19.48 -0.06
CA PRO B 115 12.94 18.55 1.08
C PRO B 115 13.62 19.13 2.30
N SER B 116 13.15 18.70 3.46
CA SER B 116 13.88 18.88 4.71
CA SER B 116 13.86 18.88 4.72
C SER B 116 14.66 17.61 4.98
N VAL B 117 15.96 17.77 5.26
CA VAL B 117 16.87 16.63 5.28
C VAL B 117 17.38 16.38 6.70
N PHE B 118 17.44 15.11 7.08
CA PHE B 118 17.90 14.67 8.38
C PHE B 118 18.80 13.44 8.21
N ILE B 119 19.81 13.33 9.06
CA ILE B 119 20.70 12.16 9.03
C ILE B 119 20.69 11.50 10.41
N PHE B 120 20.74 10.17 10.42
CA PHE B 120 20.67 9.38 11.66
C PHE B 120 21.86 8.43 11.72
N PRO B 121 22.72 8.53 12.73
CA PRO B 121 23.80 7.55 12.90
C PRO B 121 23.25 6.19 13.26
N PRO B 122 24.04 5.13 13.11
CA PRO B 122 23.61 3.82 13.59
C PRO B 122 23.49 3.82 15.11
N SER B 123 22.51 3.08 15.60
CA SER B 123 22.32 2.95 17.04
C SER B 123 23.44 2.13 17.64
N ASP B 124 23.71 2.35 18.93
CA ASP B 124 24.69 1.51 19.60
C ASP B 124 24.21 0.07 19.70
N GLU B 125 22.88 -0.13 19.80
CA GLU B 125 22.32 -1.48 19.82
C GLU B 125 22.70 -2.25 18.55
N GLN B 126 22.54 -1.60 17.39
CA GLN B 126 22.83 -2.29 16.13
C GLN B 126 24.33 -2.60 15.99
N LEU B 127 25.19 -1.66 16.38
CA LEU B 127 26.62 -1.89 16.28
C LEU B 127 27.04 -3.14 17.04
N LYS B 128 26.35 -3.44 18.15
CA LYS B 128 26.62 -4.64 18.92
C LYS B 128 26.51 -5.91 18.06
N SER B 129 25.80 -5.85 16.94
CA SER B 129 25.53 -7.02 16.13
C SER B 129 26.38 -7.08 14.86
N GLY B 130 27.30 -6.14 14.66
CA GLY B 130 28.29 -6.24 13.60
C GLY B 130 27.97 -5.52 12.31
N THR B 131 26.84 -4.81 12.24
CA THR B 131 26.51 -4.04 11.06
CA THR B 131 26.44 -4.07 11.06
C THR B 131 26.02 -2.66 11.49
N ALA B 132 26.22 -1.69 10.61
CA ALA B 132 25.85 -0.30 10.86
C ALA B 132 24.99 0.20 9.73
N SER B 133 23.79 0.69 10.05
CA SER B 133 22.90 1.31 9.08
C SER B 133 22.85 2.79 9.36
N VAL B 134 23.19 3.59 8.35
CA VAL B 134 23.09 5.05 8.41
C VAL B 134 21.90 5.45 7.55
N VAL B 135 21.03 6.29 8.10
CA VAL B 135 19.78 6.62 7.41
C VAL B 135 19.73 8.11 7.12
N CYS B 136 19.33 8.44 5.90
CA CYS B 136 19.10 9.82 5.46
C CYS B 136 17.63 9.96 5.10
N LEU B 137 16.97 10.98 5.67
CA LEU B 137 15.54 11.23 5.44
C LEU B 137 15.36 12.52 4.65
N LEU B 138 14.57 12.44 3.57
CA LEU B 138 14.15 13.60 2.80
C LEU B 138 12.66 13.76 3.01
N ASN B 139 12.25 14.80 3.71
CA ASN B 139 10.86 14.90 4.15
C ASN B 139 10.09 15.94 3.33
N ASN B 140 8.91 15.51 2.81
CA ASN B 140 7.87 16.41 2.30
C ASN B 140 8.36 17.28 1.13
N PHE B 141 8.71 16.65 0.02
CA PHE B 141 9.18 17.39 -1.14
C PHE B 141 8.29 17.11 -2.36
N TYR B 142 8.46 17.95 -3.39
CA TYR B 142 7.76 17.85 -4.67
C TYR B 142 8.53 18.63 -5.73
N PRO B 143 8.78 18.05 -6.92
CA PRO B 143 8.36 16.75 -7.42
C PRO B 143 9.20 15.57 -6.91
N ARG B 144 8.92 14.38 -7.42
N ARG B 144 9.00 14.40 -7.52
CA ARG B 144 9.45 13.14 -6.85
CA ARG B 144 9.60 13.16 -7.01
C ARG B 144 10.94 12.98 -7.12
C ARG B 144 11.12 13.13 -7.23
N GLU B 145 11.44 13.59 -8.19
N GLU B 145 11.60 13.62 -8.36
CA GLU B 145 12.84 13.43 -8.58
CA GLU B 145 12.99 13.42 -8.75
C GLU B 145 13.74 14.01 -7.51
C GLU B 145 13.96 14.06 -7.75
N ALA B 146 14.72 13.21 -7.06
CA ALA B 146 15.66 13.65 -6.03
C ALA B 146 16.88 12.73 -6.09
N LYS B 147 18.06 13.30 -5.84
CA LYS B 147 19.30 12.52 -5.86
C LYS B 147 19.93 12.59 -4.47
N VAL B 148 20.25 11.41 -3.92
CA VAL B 148 20.90 11.30 -2.62
C VAL B 148 22.28 10.70 -2.86
N GLN B 149 23.31 11.38 -2.38
CA GLN B 149 24.69 10.90 -2.48
C GLN B 149 25.27 10.72 -1.09
N TRP B 150 25.80 9.53 -0.81
CA TRP B 150 26.47 9.24 0.45
C TRP B 150 27.97 9.46 0.30
N LYS B 151 28.56 10.13 1.29
CA LYS B 151 30.00 10.31 1.32
C LYS B 151 30.51 9.89 2.68
N VAL B 152 31.62 9.16 2.69
CA VAL B 152 32.27 8.68 3.90
C VAL B 152 33.70 9.20 3.87
N ASP B 153 34.03 10.09 4.80
CA ASP B 153 35.32 10.80 4.80
C ASP B 153 35.57 11.44 3.42
N ASN B 154 34.49 11.99 2.84
CA ASN B 154 34.46 12.70 1.57
C ASN B 154 34.60 11.77 0.37
N ALA B 155 34.67 10.45 0.59
CA ALA B 155 34.71 9.48 -0.50
C ALA B 155 33.28 9.13 -0.91
N LEU B 156 32.97 9.32 -2.20
CA LEU B 156 31.63 9.03 -2.66
C LEU B 156 31.36 7.53 -2.59
N GLN B 157 30.19 7.17 -2.08
CA GLN B 157 29.82 5.76 -1.93
C GLN B 157 29.03 5.28 -3.14
N SER B 158 29.21 4.01 -3.48
CA SER B 158 28.45 3.42 -4.55
C SER B 158 28.16 1.96 -4.21
N GLY B 159 26.94 1.52 -4.51
CA GLY B 159 26.59 0.13 -4.39
C GLY B 159 26.19 -0.34 -3.01
N ASN B 160 26.23 0.52 -2.00
CA ASN B 160 26.00 0.08 -0.62
C ASN B 160 24.85 0.83 0.04
N SER B 161 23.92 1.35 -0.76
CA SER B 161 22.76 2.02 -0.21
C SER B 161 21.50 1.58 -0.95
N GLN B 162 20.35 1.73 -0.28
CA GLN B 162 19.04 1.47 -0.84
C GLN B 162 18.11 2.58 -0.40
N GLU B 163 17.11 2.87 -1.22
CA GLU B 163 16.16 3.90 -0.83
C GLU B 163 14.75 3.46 -1.18
N SER B 164 13.78 4.09 -0.52
CA SER B 164 12.40 3.93 -0.93
C SER B 164 11.65 5.23 -0.66
N VAL B 165 10.53 5.38 -1.35
N VAL B 165 10.54 5.39 -1.36
CA VAL B 165 9.79 6.63 -1.39
CA VAL B 165 9.79 6.64 -1.36
C VAL B 165 8.33 6.36 -1.06
C VAL B 165 8.34 6.34 -1.03
N THR B 166 7.70 7.26 -0.32
CA THR B 166 6.28 7.15 -0.06
C THR B 166 5.49 7.55 -1.31
N GLU B 167 4.22 7.17 -1.34
CA GLU B 167 3.32 7.73 -2.33
C GLU B 167 2.94 9.14 -1.93
N GLN B 168 2.40 9.91 -2.89
CA GLN B 168 2.02 11.30 -2.61
C GLN B 168 1.07 11.37 -1.42
N ASP B 169 1.33 12.31 -0.51
CA ASP B 169 0.46 12.50 0.63
C ASP B 169 -0.93 12.95 0.19
N SER B 170 -1.97 12.38 0.80
CA SER B 170 -3.31 12.71 0.37
C SER B 170 -3.69 14.14 0.71
N LYS B 171 -3.00 14.77 1.66
CA LYS B 171 -3.37 16.12 2.05
C LYS B 171 -2.51 17.18 1.38
N ASP B 172 -1.19 17.04 1.44
CA ASP B 172 -0.31 18.06 0.89
C ASP B 172 0.42 17.62 -0.37
N SER B 173 0.17 16.40 -0.86
CA SER B 173 0.66 15.91 -2.15
C SER B 173 2.18 15.82 -2.23
N THR B 174 2.91 15.85 -1.12
CA THR B 174 4.36 15.70 -1.17
C THR B 174 4.78 14.23 -1.05
N TYR B 175 6.05 14.00 -1.32
CA TYR B 175 6.73 12.73 -1.14
C TYR B 175 7.71 12.83 0.01
N SER B 176 8.07 11.68 0.56
CA SER B 176 9.21 11.59 1.45
C SER B 176 10.05 10.39 1.02
N LEU B 177 11.32 10.45 1.37
CA LEU B 177 12.26 9.43 0.91
C LEU B 177 13.22 9.08 2.03
N SER B 178 13.54 7.80 2.13
CA SER B 178 14.51 7.31 3.09
CA SER B 178 14.49 7.27 3.10
C SER B 178 15.59 6.54 2.34
N SER B 179 16.85 6.84 2.65
CA SER B 179 17.99 6.16 2.07
C SER B 179 18.83 5.57 3.19
N THR B 180 19.18 4.30 3.07
CA THR B 180 19.97 3.60 4.09
C THR B 180 21.30 3.20 3.50
N LEU B 181 22.38 3.66 4.12
CA LEU B 181 23.74 3.23 3.83
C LEU B 181 24.09 2.13 4.81
N THR B 182 24.49 0.96 4.30
CA THR B 182 24.78 -0.18 5.17
C THR B 182 26.26 -0.54 5.07
N LEU B 183 26.94 -0.49 6.21
CA LEU B 183 28.35 -0.84 6.30
C LEU B 183 28.54 -1.90 7.37
N SER B 184 29.62 -2.68 7.23
CA SER B 184 30.03 -3.53 8.33
C SER B 184 30.47 -2.65 9.50
N LYS B 185 30.38 -3.21 10.72
CA LYS B 185 30.84 -2.46 11.89
C LYS B 185 32.30 -2.05 11.72
N ALA B 186 33.14 -2.98 11.26
CA ALA B 186 34.56 -2.70 11.09
C ALA B 186 34.78 -1.51 10.17
N ASP B 187 34.08 -1.48 9.02
CA ASP B 187 34.20 -0.36 8.11
C ASP B 187 33.66 0.92 8.73
N TYR B 188 32.55 0.83 9.46
CA TYR B 188 31.98 2.02 10.07
C TYR B 188 32.95 2.67 11.06
N GLU B 189 33.61 1.86 11.87
CA GLU B 189 34.52 2.40 12.87
C GLU B 189 35.84 2.87 12.28
N LYS B 190 36.12 2.53 11.01
CA LYS B 190 37.36 2.93 10.35
C LYS B 190 37.29 4.36 9.79
N HIS B 191 36.12 4.99 9.81
CA HIS B 191 35.93 6.31 9.22
C HIS B 191 35.23 7.22 10.23
N LYS B 192 35.34 8.53 9.98
CA LYS B 192 34.83 9.53 10.90
C LYS B 192 33.65 10.33 10.36
N LEU B 193 33.75 10.85 9.14
CA LEU B 193 32.77 11.81 8.63
C LEU B 193 31.75 11.09 7.73
N TYR B 194 30.48 11.17 8.10
CA TYR B 194 29.40 10.54 7.35
C TYR B 194 28.44 11.62 6.88
N ALA B 195 28.16 11.67 5.58
CA ALA B 195 27.40 12.77 5.01
C ALA B 195 26.41 12.27 3.96
N CYS B 196 25.24 12.89 3.95
CA CYS B 196 24.20 12.68 2.95
C CYS B 196 24.02 13.98 2.19
N GLU B 197 24.24 13.96 0.88
CA GLU B 197 24.11 15.15 0.04
C GLU B 197 22.91 15.00 -0.88
N VAL B 198 22.03 16.00 -0.89
CA VAL B 198 20.72 15.93 -1.54
C VAL B 198 20.62 17.00 -2.62
N THR B 199 20.23 16.58 -3.82
CA THR B 199 19.97 17.46 -4.95
C THR B 199 18.49 17.37 -5.31
N HIS B 200 17.84 18.52 -5.49
CA HIS B 200 16.41 18.54 -5.78
C HIS B 200 16.07 19.86 -6.47
N GLN B 201 15.05 19.83 -7.33
CA GLN B 201 14.62 21.01 -8.08
C GLN B 201 14.34 22.21 -7.18
N GLY B 202 13.85 21.96 -5.98
CA GLY B 202 13.52 23.01 -5.03
C GLY B 202 14.69 23.57 -4.25
N LEU B 203 15.90 23.04 -4.45
CA LEU B 203 17.08 23.56 -3.77
C LEU B 203 17.95 24.30 -4.79
N SER B 204 18.26 25.56 -4.49
CA SER B 204 19.14 26.30 -5.39
C SER B 204 20.54 25.69 -5.44
N SER B 205 20.97 25.04 -4.37
CA SER B 205 22.22 24.29 -4.37
C SER B 205 22.05 23.11 -3.43
N PRO B 206 22.88 22.07 -3.56
CA PRO B 206 22.63 20.84 -2.79
C PRO B 206 22.80 21.08 -1.29
N VAL B 207 22.02 20.32 -0.52
N VAL B 207 22.00 20.34 -0.52
CA VAL B 207 22.05 20.35 0.94
CA VAL B 207 22.07 20.37 0.94
C VAL B 207 22.77 19.11 1.43
C VAL B 207 22.81 19.13 1.41
N THR B 208 23.68 19.30 2.39
CA THR B 208 24.42 18.19 2.99
C THR B 208 24.16 18.17 4.49
N LYS B 209 23.78 17.01 5.01
CA LYS B 209 23.72 16.78 6.45
C LYS B 209 24.77 15.74 6.81
N SER B 210 25.46 15.95 7.93
CA SER B 210 26.56 15.05 8.26
C SER B 210 26.72 14.94 9.76
N PHE B 211 27.51 13.96 10.16
CA PHE B 211 27.92 13.78 11.54
C PHE B 211 29.28 13.13 11.56
N ASN B 212 29.97 13.24 12.69
CA ASN B 212 31.22 12.55 12.94
C ASN B 212 30.97 11.43 13.94
N ARG B 213 31.41 10.22 13.60
CA ARG B 213 31.25 9.08 14.49
C ARG B 213 31.84 9.38 15.86
N GLY B 214 31.04 9.19 16.91
CA GLY B 214 31.44 9.55 18.25
C GLY B 214 31.39 11.04 18.50
N GLU B 215 30.20 11.64 18.42
CA GLU B 215 30.03 13.06 18.67
C GLU B 215 28.54 13.40 18.86
C1 GOL C . -29.11 -5.95 1.85
O1 GOL C . -29.92 -6.30 0.75
C2 GOL C . -28.21 -7.17 2.17
O2 GOL C . -27.16 -6.81 3.00
C3 GOL C . -29.15 -8.19 2.87
O3 GOL C . -28.44 -9.41 2.93
C1 GOL D . 15.27 2.94 3.68
O1 GOL D . 15.84 3.03 2.43
C2 GOL D . 14.16 1.83 3.63
O2 GOL D . 14.60 0.63 4.21
C3 GOL D . 12.96 2.47 4.38
O3 GOL D . 11.86 1.53 4.34
#